data_8UI1
#
_entry.id   8UI1
#
_cell.length_a   62.430
_cell.length_b   65.713
_cell.length_c   166.314
_cell.angle_alpha   90.000
_cell.angle_beta   90.000
_cell.angle_gamma   90.000
#
_symmetry.space_group_name_H-M   'P 2 21 21'
#
loop_
_entity.id
_entity.type
_entity.pdbx_description
1 polymer 'Glycosyl transferase'
2 non-polymer "URIDINE-5'-DIPHOSPHATE"
3 non-polymer 'MANGANESE (II) ION'
4 non-polymer GLYCEROL
5 non-polymer DI(HYDROXYETHYL)ETHER
6 water water
#
_entity_poly.entity_id   1
_entity_poly.type   'polypeptide(L)'
_entity_poly.pdbx_seq_one_letter_code
;GARDVQEGVSSFEESGGAQLPPRVHALEVLEGAGPGRLHGRLGIKPDGQPGYTRAPSPPTDLSMPQALARGGGFNLYLSD
HLELDRTAPDARHASCRQLHYDLSTLPKASVIIVFYNEPFSTLMRSVHSVLNGTPPQILEELILVDDGSTLPYIREDGNQ
QLVEYLKLLPAKVRLIRNEVRKGIVGARMKGIRASRAPIFAILDSHIEVSPQWLEPLLLRIKEDSRRVVMPQIDGIDAET
FKHIAGGIGCKLGFLWKLMEHSYEGHQTARLPPEERQPSPTDFQTSPAMAGGLFAANKAFFFDVGAYDEDFQFWGTENLE
LSFRLWQCGGVLECAPCSRVYHIFRKGGSGYSSPGDSITINKMRTMLWMDEYADLAWRVIGKPRVNYRPESLEKRREWRK
RKGCKSFRWFMENVFPEGDVVTLDDVPYLGPLRNDKIGMCLDNMGWASPGHAVGLEYCHGGDTQTFMFFRKVGHVMPVND
DEACLQPSGRLDWCRGTAQFWWDFTSSGQLMFRETKQCLSAFGRKLRMVECDDTDPYQIWSWTAYNPPDTFTFPSVSRSI
RSG
;
_entity_poly.pdbx_strand_id   A
#
loop_
_chem_comp.id
_chem_comp.type
_chem_comp.name
_chem_comp.formula
GOL non-polymer GLYCEROL 'C3 H8 O3'
MN non-polymer 'MANGANESE (II) ION' 'Mn 2'
PEG non-polymer DI(HYDROXYETHYL)ETHER 'C4 H10 O3'
UDP RNA linking URIDINE-5'-DIPHOSPHATE 'C9 H14 N2 O12 P2'
#
# COMPACT_ATOMS: atom_id res chain seq x y z
N VAL A 29 -4.70 -17.62 32.08
CA VAL A 29 -4.46 -19.06 32.08
C VAL A 29 -5.19 -19.68 30.90
N LEU A 30 -4.66 -20.78 30.36
CA LEU A 30 -5.19 -21.43 29.18
C LEU A 30 -5.89 -22.72 29.60
N GLU A 31 -7.18 -22.83 29.28
CA GLU A 31 -8.02 -23.95 29.70
C GLU A 31 -8.48 -24.74 28.48
N GLY A 32 -8.04 -25.99 28.38
CA GLY A 32 -8.40 -26.81 27.23
C GLY A 32 -7.54 -26.57 26.01
N ALA A 33 -6.29 -26.17 26.21
CA ALA A 33 -5.43 -25.79 25.09
C ALA A 33 -5.10 -27.00 24.22
N GLY A 34 -4.63 -26.71 23.01
CA GLY A 34 -4.29 -27.73 22.06
C GLY A 34 -4.05 -27.18 20.67
N PRO A 35 -3.63 -28.04 19.74
CA PRO A 35 -3.38 -27.58 18.36
C PRO A 35 -4.63 -26.94 17.77
N GLY A 36 -4.45 -25.73 17.24
CA GLY A 36 -5.56 -24.96 16.73
C GLY A 36 -6.36 -24.22 17.78
N ARG A 37 -6.17 -24.53 19.05
CA ARG A 37 -6.69 -23.76 20.17
C ARG A 37 -5.55 -23.48 21.14
N LEU A 38 -4.51 -22.82 20.64
CA LEU A 38 -3.29 -22.66 21.41
C LEU A 38 -3.50 -21.86 22.69
N HIS A 39 -4.54 -21.01 22.74
CA HIS A 39 -4.90 -20.31 23.96
C HIS A 39 -6.10 -20.93 24.65
N GLY A 40 -6.46 -22.15 24.28
CA GLY A 40 -7.63 -22.79 24.86
C GLY A 40 -8.87 -22.55 24.03
N ARG A 41 -10.00 -23.02 24.57
CA ARG A 41 -11.28 -22.84 23.92
C ARG A 41 -11.82 -21.46 24.30
N LEU A 42 -11.93 -20.59 23.32
CA LEU A 42 -12.23 -19.18 23.55
C LEU A 42 -13.73 -18.91 23.46
N GLY A 43 -14.19 -17.97 24.28
CA GLY A 43 -15.54 -17.47 24.17
C GLY A 43 -16.61 -18.30 24.85
N ILE A 44 -16.24 -19.27 25.69
CA ILE A 44 -17.23 -20.06 26.40
C ILE A 44 -17.57 -19.36 27.71
N LYS A 45 -18.76 -19.64 28.20
CA LYS A 45 -19.33 -18.98 29.37
C LYS A 45 -19.21 -19.87 30.59
N PRO A 46 -19.59 -19.37 31.77
CA PRO A 46 -19.62 -20.23 32.96
C PRO A 46 -20.38 -21.52 32.73
N ASP A 47 -21.60 -21.41 32.19
CA ASP A 47 -22.45 -22.56 31.92
C ASP A 47 -21.99 -23.39 30.73
N GLY A 48 -20.91 -23.01 30.06
CA GLY A 48 -20.31 -23.82 29.02
C GLY A 48 -20.79 -23.53 27.61
N GLN A 49 -22.00 -22.99 27.45
CA GLN A 49 -22.44 -22.57 26.13
C GLN A 49 -21.63 -21.34 25.70
N PRO A 50 -21.49 -21.11 24.39
CA PRO A 50 -20.66 -20.01 23.93
C PRO A 50 -21.27 -18.64 24.22
N GLY A 51 -20.38 -17.66 24.38
CA GLY A 51 -20.76 -16.27 24.63
C GLY A 51 -21.11 -15.48 23.39
N TYR A 52 -21.04 -16.09 22.22
CA TYR A 52 -21.47 -15.49 20.97
C TYR A 52 -22.63 -16.31 20.42
N THR A 53 -23.74 -15.65 20.14
CA THR A 53 -24.92 -16.30 19.56
C THR A 53 -24.83 -16.15 18.05
N ARG A 54 -24.35 -17.20 17.39
CA ARG A 54 -24.13 -17.19 15.95
C ARG A 54 -25.46 -17.02 15.20
N ALA A 55 -25.35 -16.68 13.92
CA ALA A 55 -26.50 -16.28 13.12
C ALA A 55 -26.95 -17.39 12.19
N PRO A 56 -28.21 -17.35 11.75
CA PRO A 56 -28.68 -18.35 10.77
C PRO A 56 -28.03 -18.12 9.42
N SER A 57 -28.15 -19.12 8.56
CA SER A 57 -27.58 -18.99 7.23
C SER A 57 -28.22 -17.80 6.51
N PRO A 58 -27.45 -17.03 5.73
CA PRO A 58 -28.03 -15.89 5.03
C PRO A 58 -29.29 -16.28 4.28
N PRO A 59 -30.30 -15.42 4.28
CA PRO A 59 -31.54 -15.76 3.57
C PRO A 59 -31.27 -16.10 2.10
N THR A 60 -32.16 -16.91 1.54
CA THR A 60 -32.03 -17.30 0.14
C THR A 60 -32.26 -16.12 -0.79
N ASP A 61 -33.30 -15.33 -0.52
CA ASP A 61 -33.56 -14.10 -1.28
C ASP A 61 -32.69 -12.99 -0.68
N LEU A 62 -31.43 -12.97 -1.13
CA LEU A 62 -30.42 -12.09 -0.56
C LEU A 62 -29.70 -11.39 -1.70
N SER A 63 -29.92 -10.08 -1.83
CA SER A 63 -29.30 -9.28 -2.87
C SER A 63 -27.89 -8.91 -2.44
N MET A 64 -26.89 -9.45 -3.13
CA MET A 64 -25.49 -9.18 -2.77
C MET A 64 -25.16 -7.70 -2.70
N PRO A 65 -25.58 -6.84 -3.63
CA PRO A 65 -25.20 -5.43 -3.50
C PRO A 65 -25.72 -4.77 -2.24
N GLN A 66 -26.97 -5.08 -1.85
CA GLN A 66 -27.49 -4.54 -0.59
C GLN A 66 -26.71 -5.09 0.60
N ALA A 67 -26.28 -6.35 0.53
CA ALA A 67 -25.59 -6.97 1.66
C ALA A 67 -24.22 -6.35 1.85
N LEU A 68 -23.49 -6.11 0.77
CA LEU A 68 -22.21 -5.42 0.86
C LEU A 68 -22.39 -3.96 1.26
N ALA A 69 -23.52 -3.36 0.86
CA ALA A 69 -23.82 -2.00 1.29
C ALA A 69 -23.98 -1.93 2.80
N ARG A 70 -24.89 -2.74 3.34
CA ARG A 70 -25.14 -2.75 4.78
C ARG A 70 -23.99 -3.33 5.58
N GLY A 71 -22.95 -3.84 4.92
CA GLY A 71 -21.83 -4.44 5.61
C GLY A 71 -20.53 -3.68 5.47
N GLY A 72 -20.56 -2.58 4.74
CA GLY A 72 -19.36 -1.78 4.55
C GLY A 72 -18.26 -2.53 3.84
N GLY A 73 -18.62 -3.31 2.81
CA GLY A 73 -17.68 -4.05 2.01
C GLY A 73 -17.79 -5.56 2.13
N PHE A 74 -18.24 -6.05 3.27
CA PHE A 74 -18.37 -7.49 3.51
C PHE A 74 -19.83 -7.93 3.42
N ASN A 75 -20.02 -9.23 3.18
CA ASN A 75 -21.32 -9.87 3.37
C ASN A 75 -21.40 -10.25 4.84
N LEU A 76 -22.05 -9.40 5.65
CA LEU A 76 -22.13 -9.66 7.08
C LEU A 76 -23.19 -10.69 7.43
N TYR A 77 -24.17 -10.91 6.54
CA TYR A 77 -25.08 -12.04 6.72
C TYR A 77 -24.31 -13.35 6.80
N LEU A 78 -23.22 -13.46 6.06
CA LEU A 78 -22.43 -14.69 6.06
C LEU A 78 -21.44 -14.72 7.22
N SER A 79 -20.69 -13.63 7.41
CA SER A 79 -19.76 -13.56 8.53
C SER A 79 -20.44 -13.86 9.86
N ASP A 80 -21.64 -13.30 10.07
CA ASP A 80 -22.36 -13.58 11.30
C ASP A 80 -22.82 -15.03 11.39
N HIS A 81 -22.88 -15.74 10.27
CA HIS A 81 -23.26 -17.14 10.26
C HIS A 81 -22.06 -18.07 10.37
N LEU A 82 -20.87 -17.61 9.98
CA LEU A 82 -19.66 -18.41 10.12
C LEU A 82 -19.19 -18.42 11.57
N GLU A 83 -18.33 -19.39 11.89
CA GLU A 83 -17.85 -19.56 13.25
C GLU A 83 -16.72 -18.58 13.55
N LEU A 84 -16.67 -18.11 14.80
CA LEU A 84 -15.53 -17.28 15.22
C LEU A 84 -14.25 -18.11 15.31
N ASP A 85 -14.36 -19.42 15.55
CA ASP A 85 -13.22 -20.32 15.49
C ASP A 85 -13.05 -20.96 14.12
N ARG A 86 -13.38 -20.22 13.06
CA ARG A 86 -13.34 -20.74 11.70
C ARG A 86 -11.98 -21.35 11.38
N THR A 87 -12.01 -22.57 10.84
CA THR A 87 -10.78 -23.25 10.43
C THR A 87 -10.41 -22.80 9.02
N ALA A 88 -9.19 -22.30 8.87
CA ALA A 88 -8.69 -21.81 7.60
C ALA A 88 -7.62 -22.74 7.04
N PRO A 89 -7.40 -22.75 5.73
CA PRO A 89 -6.34 -23.58 5.17
C PRO A 89 -4.97 -22.94 5.32
N ASP A 90 -3.94 -23.78 5.19
CA ASP A 90 -2.56 -23.33 5.29
C ASP A 90 -2.09 -22.85 3.92
N ALA A 91 -1.99 -21.53 3.75
CA ALA A 91 -1.51 -20.97 2.49
C ALA A 91 0.00 -21.01 2.36
N ARG A 92 0.70 -21.54 3.36
CA ARG A 92 2.16 -21.59 3.32
C ARG A 92 2.64 -22.66 2.36
N HIS A 93 3.70 -22.35 1.63
CA HIS A 93 4.40 -23.36 0.83
C HIS A 93 4.79 -24.54 1.72
N ALA A 94 4.93 -25.71 1.10
CA ALA A 94 5.19 -26.91 1.89
C ALA A 94 6.53 -26.82 2.62
N SER A 95 7.54 -26.23 1.98
CA SER A 95 8.86 -26.11 2.59
C SER A 95 8.83 -25.27 3.86
N CYS A 96 7.81 -24.42 4.04
CA CYS A 96 7.73 -23.61 5.23
C CYS A 96 7.36 -24.41 6.47
N ARG A 97 6.72 -25.57 6.30
CA ARG A 97 6.34 -26.42 7.43
C ARG A 97 7.51 -27.24 7.95
N GLN A 98 8.64 -27.26 7.24
CA GLN A 98 9.78 -28.10 7.60
C GLN A 98 10.77 -27.37 8.50
N LEU A 99 10.36 -26.27 9.12
CA LEU A 99 11.23 -25.46 9.96
C LEU A 99 10.82 -25.56 11.41
N HIS A 100 11.80 -25.45 12.31
CA HIS A 100 11.58 -25.66 13.73
C HIS A 100 12.11 -24.46 14.49
N TYR A 101 11.23 -23.81 15.25
CA TYR A 101 11.58 -22.68 16.08
C TYR A 101 11.60 -23.12 17.55
N ASP A 102 12.28 -22.33 18.37
CA ASP A 102 12.50 -22.63 19.79
C ASP A 102 11.81 -21.53 20.58
N LEU A 103 10.55 -21.77 20.94
CA LEU A 103 9.71 -20.73 21.54
C LEU A 103 10.25 -20.22 22.87
N SER A 104 11.24 -20.89 23.46
CA SER A 104 11.88 -20.36 24.66
C SER A 104 12.89 -19.27 24.32
N THR A 105 13.56 -19.40 23.18
CA THR A 105 14.58 -18.44 22.77
C THR A 105 14.01 -17.20 22.09
N LEU A 106 12.72 -17.22 21.73
CA LEU A 106 12.19 -16.11 20.94
C LEU A 106 11.62 -15.02 21.84
N PRO A 107 11.77 -13.76 21.45
CA PRO A 107 11.24 -12.67 22.27
C PRO A 107 9.72 -12.58 22.15
N LYS A 108 9.06 -12.45 23.30
CA LYS A 108 7.60 -12.28 23.31
C LYS A 108 7.22 -11.12 22.40
N ALA A 109 5.96 -11.06 21.98
CA ALA A 109 5.51 -10.05 21.04
C ALA A 109 4.10 -9.59 21.38
N SER A 110 3.83 -8.32 21.09
CA SER A 110 2.52 -7.72 21.30
C SER A 110 1.86 -7.52 19.94
N VAL A 111 0.79 -8.26 19.68
CA VAL A 111 -0.01 -8.04 18.49
C VAL A 111 -0.99 -6.90 18.77
N ILE A 112 -1.14 -6.00 17.81
CA ILE A 112 -1.92 -4.78 17.95
C ILE A 112 -2.93 -4.74 16.82
N ILE A 113 -4.21 -4.96 17.14
CA ILE A 113 -5.29 -4.85 16.16
C ILE A 113 -5.99 -3.53 16.39
N VAL A 114 -6.02 -2.69 15.35
CA VAL A 114 -6.66 -1.38 15.38
C VAL A 114 -7.92 -1.46 14.53
N PHE A 115 -9.04 -0.99 15.07
CA PHE A 115 -10.32 -1.08 14.37
C PHE A 115 -11.12 0.19 14.56
N TYR A 116 -11.87 0.55 13.52
CA TYR A 116 -12.89 1.58 13.61
C TYR A 116 -14.20 1.01 13.08
N ASN A 117 -15.18 0.83 13.96
CA ASN A 117 -16.49 0.33 13.58
C ASN A 117 -16.39 -0.98 12.78
N GLU A 118 -15.44 -1.84 13.16
CA GLU A 118 -15.41 -3.18 12.60
C GLU A 118 -16.56 -4.00 13.18
N PRO A 119 -17.26 -4.77 12.35
CA PRO A 119 -18.36 -5.58 12.89
C PRO A 119 -17.87 -6.58 13.92
N PHE A 120 -18.81 -7.13 14.69
CA PHE A 120 -18.45 -8.06 15.75
C PHE A 120 -17.88 -9.35 15.19
N SER A 121 -18.52 -9.91 14.16
CA SER A 121 -18.10 -11.21 13.64
C SER A 121 -16.67 -11.15 13.11
N THR A 122 -16.38 -10.21 12.22
CA THR A 122 -15.04 -10.11 11.65
C THR A 122 -14.01 -9.81 12.73
N LEU A 123 -14.28 -8.80 13.57
CA LEU A 123 -13.32 -8.42 14.59
C LEU A 123 -13.01 -9.57 15.53
N MET A 124 -14.06 -10.16 16.14
CA MET A 124 -13.84 -11.24 17.08
C MET A 124 -13.23 -12.46 16.41
N ARG A 125 -13.48 -12.64 15.11
CA ARG A 125 -12.86 -13.76 14.40
C ARG A 125 -11.35 -13.53 14.24
N SER A 126 -10.95 -12.32 13.86
CA SER A 126 -9.53 -12.00 13.80
C SER A 126 -8.84 -12.31 15.11
N VAL A 127 -9.47 -11.94 16.23
CA VAL A 127 -8.87 -12.17 17.54
C VAL A 127 -8.79 -13.66 17.83
N HIS A 128 -9.87 -14.40 17.57
CA HIS A 128 -9.85 -15.84 17.77
C HIS A 128 -8.73 -16.49 16.95
N SER A 129 -8.63 -16.12 15.67
CA SER A 129 -7.60 -16.69 14.81
C SER A 129 -6.21 -16.46 15.40
N VAL A 130 -5.96 -15.26 15.93
CA VAL A 130 -4.65 -14.95 16.50
C VAL A 130 -4.38 -15.80 17.73
N LEU A 131 -5.30 -15.78 18.69
CA LEU A 131 -5.11 -16.52 19.92
C LEU A 131 -5.04 -18.02 19.67
N ASN A 132 -5.87 -18.52 18.78
CA ASN A 132 -5.85 -19.94 18.45
C ASN A 132 -4.59 -20.34 17.70
N GLY A 133 -3.96 -19.40 17.00
CA GLY A 133 -2.84 -19.72 16.15
C GLY A 133 -1.50 -19.18 16.60
N THR A 134 -1.44 -18.54 17.76
CA THR A 134 -0.19 -18.00 18.28
C THR A 134 0.14 -18.69 19.61
N PRO A 135 1.27 -19.40 19.72
CA PRO A 135 1.68 -19.93 21.02
C PRO A 135 1.65 -18.87 22.09
N PRO A 136 1.11 -19.18 23.29
CA PRO A 136 0.94 -18.12 24.29
C PRO A 136 2.25 -17.56 24.84
N GLN A 137 3.33 -18.33 24.82
CA GLN A 137 4.58 -17.87 25.41
C GLN A 137 5.37 -16.93 24.51
N ILE A 138 4.97 -16.78 23.25
CA ILE A 138 5.55 -15.77 22.36
C ILE A 138 4.54 -14.69 22.03
N LEU A 139 3.43 -14.63 22.76
CA LEU A 139 2.42 -13.59 22.60
C LEU A 139 2.25 -12.91 23.96
N GLU A 140 3.01 -11.84 24.18
CA GLU A 140 2.90 -11.08 25.43
C GLU A 140 1.45 -10.69 25.70
N GLU A 141 0.79 -10.10 24.70
CA GLU A 141 -0.55 -9.58 24.87
C GLU A 141 -1.21 -9.44 23.50
N LEU A 142 -2.42 -8.91 23.49
CA LEU A 142 -3.14 -8.64 22.24
C LEU A 142 -3.97 -7.39 22.48
N ILE A 143 -3.54 -6.27 21.92
CA ILE A 143 -4.12 -4.96 22.22
C ILE A 143 -5.12 -4.61 21.12
N LEU A 144 -6.36 -4.34 21.52
CA LEU A 144 -7.42 -3.89 20.62
C LEU A 144 -7.60 -2.40 20.83
N VAL A 145 -7.49 -1.63 19.75
CA VAL A 145 -7.49 -0.17 19.82
C VAL A 145 -8.76 0.34 19.14
N ASP A 146 -9.62 0.98 19.93
CA ASP A 146 -10.87 1.53 19.44
C ASP A 146 -10.61 2.97 18.97
N ASP A 147 -10.58 3.17 17.66
CA ASP A 147 -10.29 4.49 17.09
C ASP A 147 -11.58 5.31 16.96
N GLY A 148 -12.22 5.54 18.10
CA GLY A 148 -13.40 6.39 18.16
C GLY A 148 -14.64 5.76 17.53
N SER A 149 -14.92 4.50 17.86
CA SER A 149 -16.04 3.80 17.26
C SER A 149 -17.37 4.42 17.68
N THR A 150 -18.33 4.37 16.76
CA THR A 150 -19.65 4.98 16.96
C THR A 150 -20.76 3.94 16.95
N LEU A 151 -20.42 2.64 17.10
CA LEU A 151 -21.39 1.56 17.06
C LEU A 151 -21.82 1.18 18.48
N PRO A 152 -23.07 0.75 18.67
CA PRO A 152 -23.52 0.45 20.05
C PRO A 152 -22.72 -0.65 20.72
N TYR A 153 -22.35 -1.70 19.99
CA TYR A 153 -21.67 -2.84 20.61
C TYR A 153 -20.22 -2.54 20.96
N ILE A 154 -19.65 -1.46 20.45
CA ILE A 154 -18.28 -1.07 20.77
C ILE A 154 -18.22 0.19 21.63
N ARG A 155 -19.35 0.84 21.88
CA ARG A 155 -19.37 2.11 22.58
C ARG A 155 -19.55 1.88 24.07
N GLU A 156 -18.92 2.72 24.87
CA GLU A 156 -19.02 2.60 26.32
C GLU A 156 -20.39 3.01 26.83
N ASP A 157 -21.20 3.66 26.01
CA ASP A 157 -22.54 4.10 26.38
C ASP A 157 -23.62 3.31 25.65
N GLY A 158 -23.43 2.01 25.51
CA GLY A 158 -24.35 1.19 24.72
C GLY A 158 -24.39 -0.25 25.15
N ASN A 159 -24.73 -1.12 24.19
CA ASN A 159 -24.92 -2.54 24.43
C ASN A 159 -23.89 -3.12 25.40
N GLN A 160 -22.64 -2.67 25.28
CA GLN A 160 -21.52 -3.25 26.02
C GLN A 160 -21.31 -4.71 25.63
N GLN A 161 -21.63 -5.04 24.37
CA GLN A 161 -21.46 -6.41 23.90
C GLN A 161 -19.99 -6.78 23.78
N LEU A 162 -19.17 -5.86 23.25
CA LEU A 162 -17.75 -6.15 23.11
C LEU A 162 -17.07 -6.26 24.47
N VAL A 163 -17.32 -5.29 25.35
CA VAL A 163 -16.70 -5.29 26.68
C VAL A 163 -17.03 -6.59 27.41
N GLU A 164 -18.29 -7.01 27.36
CA GLU A 164 -18.69 -8.20 28.11
C GLU A 164 -18.14 -9.47 27.48
N TYR A 165 -18.03 -9.52 26.14
CA TYR A 165 -17.49 -10.71 25.51
C TYR A 165 -16.00 -10.86 25.77
N LEU A 166 -15.26 -9.74 25.90
CA LEU A 166 -13.84 -9.82 26.19
C LEU A 166 -13.57 -10.56 27.50
N LYS A 167 -14.45 -10.39 28.49
CA LYS A 167 -14.27 -11.07 29.76
C LYS A 167 -14.22 -12.59 29.62
N LEU A 168 -14.54 -13.13 28.44
CA LEU A 168 -14.50 -14.55 28.17
C LEU A 168 -13.27 -14.96 27.37
N LEU A 169 -12.31 -14.07 27.22
CA LEU A 169 -11.05 -14.32 26.54
C LEU A 169 -9.89 -14.26 27.53
N PRO A 170 -8.69 -14.71 27.13
CA PRO A 170 -7.54 -14.64 28.03
C PRO A 170 -7.31 -13.25 28.60
N ALA A 171 -6.48 -13.14 29.64
CA ALA A 171 -6.16 -11.84 30.19
C ALA A 171 -5.22 -11.07 29.27
N LYS A 172 -4.42 -11.79 28.47
CA LYS A 172 -3.56 -11.14 27.48
C LYS A 172 -4.30 -10.08 26.68
N VAL A 173 -5.58 -10.27 26.44
CA VAL A 173 -6.37 -9.40 25.58
C VAL A 173 -6.89 -8.24 26.42
N ARG A 174 -6.51 -7.01 26.04
CA ARG A 174 -7.00 -5.81 26.70
C ARG A 174 -7.41 -4.78 25.65
N LEU A 175 -8.55 -4.13 25.90
CA LEU A 175 -9.05 -3.08 25.03
C LEU A 175 -8.58 -1.72 25.53
N ILE A 176 -8.30 -0.82 24.60
CA ILE A 176 -7.97 0.57 24.90
C ILE A 176 -8.62 1.42 23.82
N ARG A 177 -8.82 2.70 24.12
CA ARG A 177 -9.66 3.55 23.31
C ARG A 177 -9.02 4.89 23.01
N ASN A 178 -9.40 5.46 21.87
CA ASN A 178 -9.17 6.86 21.57
C ASN A 178 -10.46 7.62 21.83
N GLU A 179 -10.38 8.64 22.68
CA GLU A 179 -11.51 9.55 22.91
C GLU A 179 -12.26 9.84 21.61
N VAL A 180 -11.55 10.23 20.55
CA VAL A 180 -12.13 10.47 19.24
C VAL A 180 -11.34 9.64 18.22
N ARG A 181 -11.70 9.79 16.94
CA ARG A 181 -11.05 9.06 15.87
C ARG A 181 -9.84 9.83 15.38
N LYS A 182 -8.65 9.24 15.53
CA LYS A 182 -7.41 9.88 15.15
C LYS A 182 -6.83 9.35 13.84
N GLY A 183 -7.31 8.21 13.36
CA GLY A 183 -6.87 7.69 12.08
C GLY A 183 -5.86 6.57 12.22
N ILE A 184 -5.32 6.18 11.06
CA ILE A 184 -4.43 5.02 10.99
C ILE A 184 -3.19 5.26 11.85
N VAL A 185 -2.45 6.33 11.56
CA VAL A 185 -1.24 6.62 12.31
C VAL A 185 -1.57 6.85 13.77
N GLY A 186 -2.57 7.69 14.03
CA GLY A 186 -2.91 8.05 15.40
C GLY A 186 -3.20 6.83 16.27
N ALA A 187 -3.89 5.84 15.71
CA ALA A 187 -4.34 4.69 16.49
C ALA A 187 -3.27 3.62 16.62
N ARG A 188 -2.48 3.39 15.56
CA ARG A 188 -1.33 2.49 15.69
C ARG A 188 -0.31 3.03 16.67
N MET A 189 -0.22 4.37 16.80
CA MET A 189 0.69 4.95 17.78
C MET A 189 0.20 4.70 19.20
N LYS A 190 -1.08 5.00 19.47
CA LYS A 190 -1.66 4.69 20.76
C LYS A 190 -1.46 3.21 21.10
N GLY A 191 -1.54 2.36 20.07
CA GLY A 191 -1.39 0.93 20.31
C GLY A 191 0.05 0.50 20.54
N ILE A 192 0.99 1.04 19.76
CA ILE A 192 2.38 0.65 19.90
C ILE A 192 2.95 1.13 21.23
N ARG A 193 2.61 2.37 21.62
N ARG A 193 2.61 2.36 21.63
CA ARG A 193 3.08 2.88 22.91
CA ARG A 193 3.09 2.86 22.91
C ARG A 193 2.63 1.99 24.05
C ARG A 193 2.63 1.98 24.06
N ALA A 194 1.42 1.44 23.97
CA ALA A 194 0.87 0.64 25.06
C ALA A 194 1.50 -0.74 25.15
N SER A 195 2.17 -1.20 24.11
CA SER A 195 2.72 -2.56 24.11
C SER A 195 3.81 -2.69 25.18
N ARG A 196 4.13 -3.94 25.51
CA ARG A 196 5.13 -4.28 26.51
C ARG A 196 6.30 -5.06 25.94
N ALA A 197 6.04 -5.98 25.01
CA ALA A 197 7.07 -6.85 24.49
C ALA A 197 8.16 -6.02 23.79
N PRO A 198 9.33 -6.62 23.57
CA PRO A 198 10.33 -5.95 22.72
C PRO A 198 9.84 -5.73 21.31
N ILE A 199 9.09 -6.69 20.76
CA ILE A 199 8.62 -6.64 19.38
C ILE A 199 7.10 -6.48 19.39
N PHE A 200 6.60 -5.68 18.44
CA PHE A 200 5.17 -5.52 18.24
C PHE A 200 4.85 -5.90 16.79
N ALA A 201 3.66 -6.49 16.60
CA ALA A 201 3.13 -6.81 15.28
C ALA A 201 1.80 -6.10 15.10
N ILE A 202 1.56 -5.61 13.89
CA ILE A 202 0.34 -4.88 13.56
C ILE A 202 -0.51 -5.75 12.64
N LEU A 203 -1.77 -5.95 13.02
CA LEU A 203 -2.70 -6.75 12.23
C LEU A 203 -3.96 -5.92 11.98
N ASP A 204 -4.59 -6.17 10.84
CA ASP A 204 -5.87 -5.55 10.53
C ASP A 204 -6.96 -6.14 11.43
N SER A 205 -8.17 -5.61 11.31
CA SER A 205 -9.30 -6.04 12.12
C SER A 205 -10.22 -7.01 11.39
N HIS A 206 -9.81 -7.51 10.22
CA HIS A 206 -10.66 -8.36 9.38
C HIS A 206 -9.76 -9.38 8.67
N ILE A 207 -9.21 -10.32 9.44
CA ILE A 207 -8.16 -11.20 8.96
C ILE A 207 -8.29 -12.57 9.61
N GLU A 208 -7.56 -13.54 9.06
CA GLU A 208 -7.35 -14.86 9.63
C GLU A 208 -5.91 -15.25 9.33
N VAL A 209 -5.24 -15.86 10.30
CA VAL A 209 -3.85 -16.23 10.11
C VAL A 209 -3.77 -17.65 9.55
N SER A 210 -2.69 -17.92 8.85
CA SER A 210 -2.23 -19.27 8.61
C SER A 210 -1.34 -19.71 9.76
N PRO A 211 -1.12 -21.01 9.93
CA PRO A 211 -0.31 -21.48 11.06
C PRO A 211 1.10 -20.89 11.07
N GLN A 212 1.71 -20.95 12.26
CA GLN A 212 3.08 -20.48 12.49
C GLN A 212 3.37 -19.16 11.80
N TRP A 213 2.43 -18.21 11.89
CA TRP A 213 2.59 -16.94 11.19
C TRP A 213 3.57 -16.02 11.91
N LEU A 214 3.62 -16.08 13.24
CA LEU A 214 4.43 -15.14 14.01
C LEU A 214 5.84 -15.63 14.24
N GLU A 215 6.07 -16.93 14.34
CA GLU A 215 7.41 -17.45 14.58
C GLU A 215 8.43 -16.93 13.59
N PRO A 216 8.20 -16.98 12.27
CA PRO A 216 9.21 -16.43 11.34
C PRO A 216 9.54 -14.97 11.60
N LEU A 217 8.55 -14.16 12.02
CA LEU A 217 8.80 -12.73 12.20
C LEU A 217 9.71 -12.48 13.40
N LEU A 218 9.42 -13.13 14.52
CA LEU A 218 10.27 -12.98 15.70
C LEU A 218 11.71 -13.40 15.41
N LEU A 219 11.88 -14.54 14.73
CA LEU A 219 13.21 -15.06 14.47
C LEU A 219 14.01 -14.09 13.62
N ARG A 220 13.36 -13.44 12.65
CA ARG A 220 14.09 -12.55 11.74
C ARG A 220 14.51 -11.26 12.43
N ILE A 221 13.71 -10.76 13.36
CA ILE A 221 14.04 -9.53 14.08
C ILE A 221 14.96 -9.81 15.26
N LYS A 222 14.90 -11.02 15.82
CA LYS A 222 15.86 -11.39 16.86
C LYS A 222 17.28 -11.31 16.33
N GLU A 223 17.48 -11.66 15.06
CA GLU A 223 18.81 -11.68 14.47
C GLU A 223 19.26 -10.30 14.00
N ASP A 224 18.34 -9.36 13.81
CA ASP A 224 18.71 -7.99 13.47
C ASP A 224 17.54 -7.08 13.82
N SER A 225 17.70 -6.26 14.86
CA SER A 225 16.62 -5.41 15.34
C SER A 225 16.22 -4.34 14.32
N ARG A 226 17.08 -4.05 13.34
CA ARG A 226 16.79 -3.01 12.37
C ARG A 226 15.78 -3.41 11.31
N ARG A 227 15.35 -4.67 11.30
CA ARG A 227 14.51 -5.18 10.23
C ARG A 227 13.04 -5.00 10.58
N VAL A 228 12.28 -4.46 9.63
CA VAL A 228 10.82 -4.47 9.67
C VAL A 228 10.36 -5.57 8.73
N VAL A 229 9.70 -6.58 9.29
CA VAL A 229 9.33 -7.78 8.54
C VAL A 229 7.82 -7.85 8.48
N MET A 230 7.28 -8.05 7.28
CA MET A 230 5.85 -8.05 7.06
C MET A 230 5.41 -9.39 6.47
N PRO A 231 4.23 -9.88 6.85
CA PRO A 231 3.75 -11.14 6.26
C PRO A 231 3.21 -10.92 4.85
N GLN A 232 3.27 -11.98 4.05
CA GLN A 232 2.62 -11.98 2.75
C GLN A 232 1.13 -12.25 2.94
N ILE A 233 0.31 -11.58 2.14
CA ILE A 233 -1.12 -11.48 2.38
C ILE A 233 -1.86 -12.35 1.38
N ASP A 234 -2.77 -13.18 1.88
CA ASP A 234 -3.76 -13.90 1.10
C ASP A 234 -5.11 -13.21 1.27
N GLY A 235 -6.12 -13.71 0.56
CA GLY A 235 -7.42 -13.06 0.55
C GLY A 235 -8.56 -13.88 1.13
N ILE A 236 -9.60 -13.19 1.56
CA ILE A 236 -10.87 -13.77 1.95
C ILE A 236 -11.94 -13.01 1.19
N ASP A 237 -12.69 -13.69 0.33
CA ASP A 237 -13.71 -13.02 -0.46
C ASP A 237 -14.69 -12.30 0.46
N ALA A 238 -15.13 -11.13 0.04
CA ALA A 238 -16.08 -10.33 0.82
C ALA A 238 -17.52 -10.66 0.48
N GLU A 239 -17.76 -11.58 -0.45
CA GLU A 239 -19.09 -12.07 -0.78
C GLU A 239 -19.30 -13.51 -0.36
N THR A 240 -18.32 -14.37 -0.63
CA THR A 240 -18.40 -15.78 -0.33
C THR A 240 -17.58 -16.19 0.89
N PHE A 241 -16.61 -15.38 1.29
CA PHE A 241 -15.68 -15.66 2.38
C PHE A 241 -14.81 -16.89 2.10
N LYS A 242 -14.76 -17.36 0.85
CA LYS A 242 -13.82 -18.41 0.49
C LYS A 242 -12.39 -17.89 0.70
N HIS A 243 -11.54 -18.75 1.26
CA HIS A 243 -10.13 -18.40 1.39
C HIS A 243 -9.44 -18.49 0.04
N ILE A 244 -8.51 -17.57 -0.21
CA ILE A 244 -7.89 -17.40 -1.51
C ILE A 244 -6.44 -16.99 -1.31
N ALA A 245 -5.55 -17.57 -2.10
CA ALA A 245 -4.13 -17.29 -1.99
C ALA A 245 -3.74 -16.08 -2.85
N GLY A 246 -2.57 -15.53 -2.55
CA GLY A 246 -2.08 -14.36 -3.25
C GLY A 246 -0.81 -14.63 -4.04
N GLY A 249 4.81 -11.94 -5.34
CA GLY A 249 3.95 -10.93 -4.74
C GLY A 249 4.56 -10.33 -3.50
N CYS A 250 5.89 -10.20 -3.51
CA CYS A 250 6.65 -9.64 -2.40
C CYS A 250 7.20 -8.25 -2.71
N LYS A 251 7.89 -8.12 -3.85
CA LYS A 251 8.56 -6.87 -4.20
C LYS A 251 7.53 -5.80 -4.57
N LEU A 252 7.69 -4.61 -3.98
CA LEU A 252 6.73 -3.53 -4.17
C LEU A 252 7.47 -2.22 -4.37
N GLY A 253 7.17 -1.52 -5.47
CA GLY A 253 7.70 -0.20 -5.73
C GLY A 253 6.69 0.87 -5.42
N PHE A 254 6.72 1.95 -6.20
CA PHE A 254 5.75 3.01 -6.02
C PHE A 254 5.55 3.75 -7.33
N LEU A 255 4.37 4.36 -7.47
CA LEU A 255 4.03 5.22 -8.58
C LEU A 255 4.20 6.67 -8.15
N TRP A 256 4.36 7.56 -9.14
CA TRP A 256 4.59 8.97 -8.82
C TRP A 256 3.32 9.66 -8.38
N LYS A 257 2.17 8.99 -8.44
CA LYS A 257 0.99 9.43 -7.71
C LYS A 257 1.10 9.13 -6.21
N LEU A 258 2.22 8.53 -5.78
CA LEU A 258 2.50 8.22 -4.38
C LEU A 258 1.57 7.16 -3.83
N MET A 259 1.58 5.98 -4.46
CA MET A 259 0.95 4.79 -3.90
C MET A 259 1.83 3.60 -4.22
N GLU A 260 1.77 2.58 -3.37
CA GLU A 260 2.56 1.38 -3.60
C GLU A 260 2.13 0.73 -4.90
N HIS A 261 3.05 -0.02 -5.51
CA HIS A 261 2.78 -0.66 -6.80
C HIS A 261 3.67 -1.87 -6.94
N SER A 262 3.06 -3.06 -7.03
CA SER A 262 3.82 -4.29 -7.18
C SER A 262 4.69 -4.24 -8.43
N TYR A 263 5.92 -4.72 -8.30
CA TYR A 263 6.85 -4.77 -9.42
C TYR A 263 6.19 -5.35 -10.67
N GLU A 264 6.18 -4.57 -11.75
CA GLU A 264 5.69 -5.08 -13.02
C GLU A 264 6.70 -6.06 -13.62
N GLY A 265 6.23 -6.82 -14.62
CA GLY A 265 7.06 -7.87 -15.19
C GLY A 265 8.39 -7.38 -15.73
N HIS A 266 8.37 -6.24 -16.43
CA HIS A 266 9.62 -5.66 -16.92
C HIS A 266 10.47 -5.08 -15.79
N GLN A 267 9.92 -4.95 -14.59
CA GLN A 267 10.67 -4.42 -13.45
C GLN A 267 11.40 -5.51 -12.68
N THR A 268 10.86 -6.73 -12.64
CA THR A 268 11.62 -7.84 -12.08
C THR A 268 12.73 -8.27 -13.04
N ALA A 269 12.49 -8.14 -14.34
CA ALA A 269 13.48 -8.51 -15.34
C ALA A 269 14.78 -7.70 -15.22
N ARG A 270 14.80 -6.64 -14.42
CA ARG A 270 16.02 -5.89 -14.18
C ARG A 270 16.76 -6.31 -12.93
N LEU A 271 16.10 -7.06 -12.03
CA LEU A 271 16.78 -7.57 -10.86
C LEU A 271 17.97 -8.44 -11.28
N PRO A 272 18.89 -8.73 -10.35
CA PRO A 272 19.89 -9.76 -10.62
C PRO A 272 19.21 -11.10 -10.89
N PRO A 273 19.86 -11.97 -11.66
CA PRO A 273 19.23 -13.29 -11.91
C PRO A 273 18.96 -14.06 -10.63
N GLU A 274 19.84 -13.94 -9.63
CA GLU A 274 19.70 -14.68 -8.39
C GLU A 274 18.49 -14.25 -7.57
N GLU A 275 17.85 -13.13 -7.94
CA GLU A 275 16.69 -12.62 -7.21
C GLU A 275 15.43 -12.56 -8.06
N ARG A 276 15.50 -12.86 -9.36
CA ARG A 276 14.32 -12.76 -10.21
C ARG A 276 13.24 -13.74 -9.78
N GLN A 277 13.63 -14.91 -9.27
CA GLN A 277 12.70 -15.95 -8.87
C GLN A 277 13.19 -16.53 -7.55
N PRO A 278 12.84 -15.90 -6.43
CA PRO A 278 13.45 -16.27 -5.15
C PRO A 278 12.72 -17.44 -4.50
N SER A 279 13.48 -18.20 -3.72
CA SER A 279 12.93 -19.38 -3.06
C SER A 279 11.69 -19.00 -2.26
N PRO A 280 10.72 -19.91 -2.12
CA PRO A 280 9.50 -19.59 -1.38
C PRO A 280 9.68 -19.57 0.12
N THR A 281 10.88 -19.84 0.62
CA THR A 281 11.18 -19.80 2.04
C THR A 281 12.10 -18.65 2.41
N ASP A 282 12.72 -18.00 1.44
CA ASP A 282 13.67 -16.94 1.69
C ASP A 282 12.97 -15.61 1.93
N PHE A 283 13.56 -14.80 2.80
CA PHE A 283 13.10 -13.43 2.98
C PHE A 283 13.66 -12.57 1.84
N GLN A 284 12.81 -11.77 1.22
CA GLN A 284 13.26 -10.83 0.20
C GLN A 284 12.84 -9.42 0.58
N THR A 285 13.68 -8.46 0.20
CA THR A 285 13.47 -7.06 0.56
C THR A 285 12.35 -6.46 -0.29
N SER A 286 11.97 -5.23 0.08
CA SER A 286 10.96 -4.51 -0.69
C SER A 286 11.10 -3.02 -0.47
N PRO A 287 11.21 -2.22 -1.53
CA PRO A 287 11.21 -0.76 -1.36
C PRO A 287 10.05 -0.25 -0.51
N ALA A 288 8.85 -0.80 -0.68
CA ALA A 288 7.66 -0.28 -0.03
C ALA A 288 6.88 -1.41 0.62
N MET A 289 6.04 -1.04 1.59
CA MET A 289 5.08 -1.97 2.18
C MET A 289 3.69 -1.63 1.66
N ALA A 290 2.93 -2.66 1.32
CA ALA A 290 1.62 -2.45 0.69
C ALA A 290 0.64 -1.85 1.69
N GLY A 291 0.49 -2.49 2.84
CA GLY A 291 -0.40 -2.00 3.87
C GLY A 291 0.29 -1.95 5.22
N GLY A 292 -0.48 -2.00 6.30
CA GLY A 292 0.10 -1.93 7.63
C GLY A 292 0.08 -3.22 8.40
N LEU A 293 0.60 -4.29 7.81
CA LEU A 293 0.75 -5.58 8.48
C LEU A 293 2.25 -5.88 8.55
N PHE A 294 2.86 -5.61 9.70
CA PHE A 294 4.30 -5.75 9.82
C PHE A 294 4.66 -5.92 11.30
N ALA A 295 5.91 -6.35 11.52
CA ALA A 295 6.48 -6.47 12.85
C ALA A 295 7.79 -5.69 12.93
N ALA A 296 8.10 -5.16 14.11
CA ALA A 296 9.30 -4.35 14.27
C ALA A 296 9.66 -4.29 15.75
N ASN A 297 10.94 -4.02 16.02
CA ASN A 297 11.40 -3.78 17.39
C ASN A 297 10.93 -2.39 17.82
N LYS A 298 10.22 -2.34 18.95
CA LYS A 298 9.65 -1.07 19.40
C LYS A 298 10.71 0.02 19.52
N ALA A 299 11.89 -0.32 20.04
CA ALA A 299 12.94 0.67 20.20
C ALA A 299 13.45 1.18 18.85
N PHE A 300 13.82 0.26 17.95
CA PHE A 300 14.27 0.67 16.64
C PHE A 300 13.18 1.46 15.91
N PHE A 301 11.94 1.01 16.03
CA PHE A 301 10.82 1.71 15.39
C PHE A 301 10.72 3.14 15.87
N PHE A 302 10.89 3.37 17.18
CA PHE A 302 10.82 4.72 17.72
C PHE A 302 12.07 5.53 17.41
N ASP A 303 13.21 4.88 17.20
CA ASP A 303 14.43 5.59 16.85
C ASP A 303 14.52 5.92 15.37
N VAL A 304 13.81 5.18 14.52
CA VAL A 304 13.86 5.39 13.08
C VAL A 304 12.74 6.32 12.62
N GLY A 305 12.04 6.95 13.57
CA GLY A 305 11.01 7.93 13.24
C GLY A 305 9.59 7.51 13.57
N ALA A 306 9.37 6.22 13.84
CA ALA A 306 8.04 5.72 14.16
C ALA A 306 7.06 6.05 13.05
N TYR A 307 6.14 6.96 13.31
CA TYR A 307 5.18 7.43 12.31
C TYR A 307 5.08 8.95 12.42
N ASP A 308 4.73 9.59 11.31
CA ASP A 308 4.54 11.05 11.29
C ASP A 308 3.14 11.32 11.82
N GLU A 309 3.05 11.78 13.06
CA GLU A 309 1.75 11.92 13.74
C GLU A 309 0.97 13.14 13.29
N ASP A 310 1.48 13.91 12.33
CA ASP A 310 0.70 14.93 11.66
C ASP A 310 0.09 14.41 10.35
N PHE A 311 0.26 13.12 10.07
CA PHE A 311 -0.52 12.48 9.01
C PHE A 311 -1.97 12.37 9.45
N GLN A 312 -2.89 12.61 8.52
CA GLN A 312 -4.31 12.71 8.83
C GLN A 312 -5.06 11.49 8.33
N PHE A 313 -5.82 10.85 9.21
CA PHE A 313 -6.68 9.70 8.89
C PHE A 313 -5.88 8.72 8.06
N TRP A 314 -6.42 8.19 6.96
CA TRP A 314 -5.80 7.10 6.19
C TRP A 314 -5.22 7.66 4.90
N GLY A 315 -4.00 7.24 4.57
CA GLY A 315 -3.32 7.80 3.42
C GLY A 315 -1.99 7.16 3.07
N THR A 316 -0.98 7.98 2.82
CA THR A 316 0.30 7.54 2.28
C THR A 316 1.32 7.18 3.37
N GLU A 317 0.84 6.87 4.58
CA GLU A 317 1.75 6.54 5.67
C GLU A 317 2.66 5.38 5.31
N ASN A 318 2.22 4.49 4.42
CA ASN A 318 3.00 3.30 4.10
C ASN A 318 4.25 3.66 3.30
N LEU A 319 4.14 4.63 2.38
CA LEU A 319 5.28 5.03 1.57
C LEU A 319 6.22 5.97 2.30
N GLU A 320 5.72 6.70 3.30
CA GLU A 320 6.57 7.61 4.08
C GLU A 320 7.31 6.87 5.19
N LEU A 321 6.69 5.82 5.74
CA LEU A 321 7.40 4.93 6.66
C LEU A 321 8.41 4.06 5.90
N SER A 322 8.16 3.81 4.61
CA SER A 322 9.03 2.93 3.84
C SER A 322 10.25 3.68 3.32
N PHE A 323 10.06 4.87 2.76
CA PHE A 323 11.19 5.71 2.37
C PHE A 323 12.06 6.01 3.59
N ARG A 324 11.44 6.43 4.69
CA ARG A 324 12.20 6.83 5.88
C ARG A 324 12.99 5.65 6.44
N LEU A 325 12.36 4.49 6.54
CA LEU A 325 13.05 3.31 7.06
C LEU A 325 14.34 3.04 6.30
N TRP A 326 14.23 2.80 4.99
CA TRP A 326 15.40 2.50 4.18
C TRP A 326 16.45 3.59 4.28
N GLN A 327 16.03 4.86 4.20
CA GLN A 327 16.99 5.95 4.14
C GLN A 327 17.74 6.12 5.45
N CYS A 328 17.10 5.80 6.57
CA CYS A 328 17.70 6.00 7.90
C CYS A 328 18.20 4.69 8.49
N GLY A 329 18.83 3.86 7.67
CA GLY A 329 19.49 2.66 8.15
C GLY A 329 18.57 1.55 8.59
N GLY A 330 17.49 1.32 7.84
CA GLY A 330 16.56 0.26 8.14
C GLY A 330 16.49 -0.74 6.99
N VAL A 331 15.74 -1.82 7.22
CA VAL A 331 15.58 -2.88 6.23
C VAL A 331 14.15 -3.36 6.28
N LEU A 332 13.51 -3.43 5.11
CA LEU A 332 12.12 -3.88 4.97
C LEU A 332 12.09 -5.13 4.09
N GLU A 333 11.51 -6.20 4.60
CA GLU A 333 11.38 -7.43 3.84
C GLU A 333 10.10 -8.16 4.22
N CYS A 334 9.58 -8.93 3.28
CA CYS A 334 8.39 -9.75 3.49
C CYS A 334 8.80 -11.18 3.79
N ALA A 335 7.83 -11.95 4.29
CA ALA A 335 8.08 -13.29 4.83
C ALA A 335 7.11 -14.28 4.21
N PRO A 336 7.55 -15.11 3.25
CA PRO A 336 6.61 -16.01 2.59
C PRO A 336 6.09 -17.10 3.49
N CYS A 337 6.81 -17.45 4.56
CA CYS A 337 6.29 -18.41 5.52
C CYS A 337 5.36 -17.77 6.54
N SER A 338 5.27 -16.44 6.55
CA SER A 338 4.33 -15.72 7.41
C SER A 338 3.18 -15.25 6.53
N ARG A 339 2.09 -16.01 6.53
CA ARG A 339 0.93 -15.75 5.68
C ARG A 339 -0.25 -15.33 6.55
N VAL A 340 -0.98 -14.31 6.11
CA VAL A 340 -2.16 -13.83 6.80
C VAL A 340 -3.25 -13.54 5.77
N TYR A 341 -4.46 -14.03 6.04
CA TYR A 341 -5.59 -13.75 5.17
C TYR A 341 -6.21 -12.40 5.52
N HIS A 342 -6.72 -11.72 4.49
CA HIS A 342 -7.31 -10.39 4.64
C HIS A 342 -8.56 -10.30 3.79
N ILE A 343 -9.57 -9.62 4.31
CA ILE A 343 -10.83 -9.45 3.61
C ILE A 343 -10.77 -8.13 2.84
N PHE A 344 -10.48 -8.21 1.54
CA PHE A 344 -10.59 -7.04 0.68
C PHE A 344 -12.06 -6.75 0.41
N ARG A 345 -12.42 -5.48 0.45
CA ARG A 345 -13.82 -5.09 0.46
C ARG A 345 -14.38 -4.92 -0.96
N LYS A 346 -15.70 -4.73 -1.02
CA LYS A 346 -16.43 -4.48 -2.26
C LYS A 346 -17.47 -3.40 -2.02
N GLY A 347 -17.04 -2.28 -1.43
CA GLY A 347 -17.96 -1.22 -1.08
C GLY A 347 -17.35 -0.31 -0.03
N GLY A 348 -18.17 0.62 0.43
CA GLY A 348 -17.75 1.59 1.43
C GLY A 348 -18.34 1.33 2.80
N PRO A 354 -12.05 11.31 5.09
CA PRO A 354 -12.21 12.54 4.32
C PRO A 354 -11.43 12.52 2.99
N GLY A 355 -11.35 13.67 2.34
CA GLY A 355 -10.63 13.79 1.08
C GLY A 355 -9.45 14.74 1.19
N ASP A 356 -9.60 15.79 1.99
CA ASP A 356 -8.50 16.72 2.22
C ASP A 356 -7.31 16.06 2.90
N SER A 357 -7.47 14.85 3.45
CA SER A 357 -6.38 14.22 4.19
C SER A 357 -5.37 13.57 3.26
N ILE A 358 -5.83 12.93 2.19
CA ILE A 358 -4.91 12.15 1.37
C ILE A 358 -3.91 13.03 0.63
N THR A 359 -4.24 14.30 0.40
CA THR A 359 -3.29 15.19 -0.26
C THR A 359 -2.26 15.75 0.72
N ILE A 360 -2.63 15.92 1.99
CA ILE A 360 -1.65 16.30 3.00
C ILE A 360 -0.61 15.20 3.16
N ASN A 361 -1.06 13.99 3.51
CA ASN A 361 -0.15 12.87 3.67
C ASN A 361 0.82 12.74 2.51
N LYS A 362 0.39 13.12 1.30
CA LYS A 362 1.27 13.02 0.14
C LYS A 362 2.31 14.13 0.12
N MET A 363 1.90 15.37 0.35
CA MET A 363 2.87 16.46 0.44
C MET A 363 3.91 16.18 1.52
N ARG A 364 3.47 15.68 2.68
CA ARG A 364 4.40 15.41 3.76
C ARG A 364 5.34 14.25 3.40
N THR A 365 4.87 13.29 2.60
CA THR A 365 5.73 12.20 2.15
C THR A 365 6.83 12.69 1.22
N MET A 366 6.62 13.83 0.54
CA MET A 366 7.62 14.32 -0.40
C MET A 366 8.86 14.83 0.30
N LEU A 367 8.78 15.15 1.60
CA LEU A 367 9.98 15.51 2.35
C LEU A 367 11.10 14.53 2.08
N TRP A 368 10.78 13.25 2.05
CA TRP A 368 11.76 12.18 1.89
C TRP A 368 12.13 11.91 0.44
N MET A 369 11.65 12.73 -0.50
CA MET A 369 11.90 12.52 -1.91
C MET A 369 12.83 13.56 -2.52
N ASP A 370 13.19 14.61 -1.79
CA ASP A 370 14.24 15.55 -2.20
C ASP A 370 13.90 16.11 -3.58
N GLU A 371 14.81 16.08 -4.54
CA GLU A 371 14.53 16.69 -5.84
C GLU A 371 13.40 15.98 -6.57
N TYR A 372 13.25 14.68 -6.35
CA TYR A 372 12.19 13.93 -7.00
C TYR A 372 10.79 14.39 -6.58
N ALA A 373 10.70 15.21 -5.53
CA ALA A 373 9.40 15.70 -5.10
C ALA A 373 8.77 16.66 -6.11
N ASP A 374 9.58 17.26 -6.98
CA ASP A 374 9.02 18.07 -8.05
C ASP A 374 8.16 17.21 -8.98
N LEU A 375 8.70 16.07 -9.41
CA LEU A 375 7.95 15.18 -10.29
C LEU A 375 6.66 14.71 -9.62
N ALA A 376 6.75 14.18 -8.39
CA ALA A 376 5.57 13.72 -7.70
C ALA A 376 4.58 14.85 -7.46
N TRP A 377 5.07 16.04 -7.11
CA TRP A 377 4.19 17.18 -6.91
C TRP A 377 3.39 17.48 -8.17
N ARG A 378 4.03 17.41 -9.34
CA ARG A 378 3.32 17.69 -10.58
C ARG A 378 2.30 16.60 -10.91
N VAL A 379 2.58 15.35 -10.52
CA VAL A 379 1.71 14.26 -10.92
C VAL A 379 0.39 14.28 -10.17
N ILE A 380 0.39 14.71 -8.91
CA ILE A 380 -0.85 14.73 -8.14
C ILE A 380 -1.53 16.09 -8.26
N GLY A 381 -1.07 16.91 -9.21
CA GLY A 381 -1.80 18.11 -9.58
C GLY A 381 -1.36 19.39 -8.91
N LYS A 382 -0.05 19.56 -8.72
CA LYS A 382 0.52 20.76 -8.12
C LYS A 382 -0.31 21.22 -6.92
N PRO A 383 -0.62 20.34 -5.98
CA PRO A 383 -1.61 20.70 -4.94
C PRO A 383 -1.05 21.72 -3.96
N ARG A 384 -1.87 22.72 -3.65
CA ARG A 384 -1.57 23.72 -2.62
C ARG A 384 -2.50 23.46 -1.44
N VAL A 385 -1.94 23.05 -0.30
CA VAL A 385 -2.72 22.72 0.88
C VAL A 385 -1.97 23.11 2.14
N ASN A 386 -2.59 22.91 3.29
CA ASN A 386 -1.92 23.11 4.58
C ASN A 386 -1.38 21.76 5.01
N TYR A 387 -0.13 21.49 4.63
CA TYR A 387 0.55 20.25 5.02
C TYR A 387 1.25 20.39 6.38
N ARG A 388 0.81 21.33 7.21
CA ARG A 388 1.38 21.55 8.53
C ARG A 388 2.86 21.88 8.39
N PRO A 389 3.21 23.02 7.77
CA PRO A 389 4.63 23.27 7.47
C PRO A 389 5.51 23.40 8.69
N GLU A 390 4.95 23.66 9.88
CA GLU A 390 5.77 23.74 11.08
C GLU A 390 6.31 22.36 11.46
N SER A 391 5.41 21.41 11.74
CA SER A 391 5.84 20.07 12.12
C SER A 391 6.72 19.44 11.05
N LEU A 392 6.46 19.73 9.77
CA LEU A 392 7.23 19.10 8.71
C LEU A 392 8.68 19.59 8.70
N GLU A 393 8.91 20.83 9.13
CA GLU A 393 10.28 21.33 9.25
C GLU A 393 10.99 20.75 10.46
N LYS A 394 10.25 20.34 11.49
CA LYS A 394 10.81 19.60 12.62
C LYS A 394 11.07 18.14 12.26
N ARG A 395 10.48 17.67 11.16
CA ARG A 395 10.82 16.36 10.60
C ARG A 395 12.02 16.47 9.68
N ARG A 396 12.25 17.65 9.09
CA ARG A 396 13.46 17.88 8.31
C ARG A 396 14.68 17.99 9.21
N GLU A 397 14.53 18.66 10.36
CA GLU A 397 15.60 18.67 11.35
C GLU A 397 15.92 17.26 11.82
N TRP A 398 14.90 16.52 12.27
CA TRP A 398 15.10 15.15 12.70
C TRP A 398 15.80 14.32 11.62
N ARG A 399 15.43 14.54 10.34
CA ARG A 399 16.01 13.76 9.26
C ARG A 399 17.52 13.97 9.18
N LYS A 400 17.97 15.22 9.23
CA LYS A 400 19.40 15.49 9.10
C LYS A 400 20.16 15.10 10.36
N ARG A 401 19.52 15.20 11.53
N ARG A 401 19.52 15.21 11.53
CA ARG A 401 20.20 14.80 12.76
CA ARG A 401 20.17 14.80 12.77
C ARG A 401 20.56 13.32 12.73
C ARG A 401 20.56 13.33 12.73
N LYS A 402 19.70 12.49 12.14
CA LYS A 402 19.98 11.06 11.98
C LYS A 402 20.90 10.79 10.80
N GLY A 403 21.17 11.79 9.95
CA GLY A 403 21.98 11.59 8.78
C GLY A 403 21.35 10.58 7.84
N CYS A 404 20.06 10.75 7.55
CA CYS A 404 19.37 9.83 6.67
C CYS A 404 19.86 10.02 5.24
N LYS A 405 19.98 8.91 4.52
CA LYS A 405 20.50 8.94 3.16
C LYS A 405 19.47 9.56 2.22
N SER A 406 19.95 10.00 1.06
CA SER A 406 19.12 10.78 0.16
C SER A 406 18.07 9.88 -0.48
N PHE A 407 17.15 10.51 -1.23
CA PHE A 407 16.21 9.73 -2.02
C PHE A 407 16.88 9.17 -3.27
N ARG A 408 17.89 9.87 -3.79
CA ARG A 408 18.64 9.30 -4.90
C ARG A 408 19.37 8.04 -4.47
N TRP A 409 19.89 8.03 -3.24
CA TRP A 409 20.43 6.79 -2.68
C TRP A 409 19.37 5.70 -2.72
N PHE A 410 18.16 6.00 -2.21
CA PHE A 410 17.06 5.07 -2.26
C PHE A 410 16.88 4.50 -3.66
N MET A 411 16.66 5.38 -4.64
CA MET A 411 16.38 4.94 -6.00
C MET A 411 17.56 4.15 -6.57
N GLU A 412 18.78 4.58 -6.29
CA GLU A 412 19.95 3.92 -6.89
C GLU A 412 20.27 2.58 -6.22
N ASN A 413 19.89 2.39 -4.96
CA ASN A 413 20.27 1.19 -4.23
C ASN A 413 19.11 0.33 -3.77
N VAL A 414 17.92 0.90 -3.54
CA VAL A 414 16.79 0.12 -3.09
C VAL A 414 15.82 -0.18 -4.22
N PHE A 415 15.65 0.75 -5.17
CA PHE A 415 14.66 0.61 -6.23
C PHE A 415 15.27 1.04 -7.57
N PRO A 416 16.36 0.40 -8.01
CA PRO A 416 16.91 0.71 -9.33
C PRO A 416 16.17 -0.02 -10.44
N GLU A 417 15.28 -0.94 -10.09
CA GLU A 417 14.38 -1.54 -11.08
C GLU A 417 13.34 -0.55 -11.57
N GLY A 418 13.08 0.51 -10.80
CA GLY A 418 12.13 1.51 -11.22
C GLY A 418 12.51 2.14 -12.55
N ASP A 419 11.52 2.82 -13.14
CA ASP A 419 11.69 3.45 -14.44
C ASP A 419 12.30 4.85 -14.34
N VAL A 420 12.17 5.51 -13.21
CA VAL A 420 12.70 6.87 -13.02
C VAL A 420 13.67 6.80 -11.84
N VAL A 421 14.92 6.45 -12.12
CA VAL A 421 15.94 6.40 -11.07
C VAL A 421 16.63 7.76 -10.89
N THR A 422 16.66 8.57 -11.94
CA THR A 422 17.06 9.97 -11.85
C THR A 422 16.06 10.78 -12.66
N LEU A 423 16.00 12.09 -12.40
CA LEU A 423 15.09 12.93 -13.16
C LEU A 423 15.54 13.13 -14.60
N ASP A 424 16.77 12.74 -14.94
CA ASP A 424 17.18 12.70 -16.34
C ASP A 424 16.48 11.60 -17.10
N ASP A 425 15.79 10.68 -16.41
CA ASP A 425 14.96 9.67 -17.06
C ASP A 425 13.58 10.20 -17.44
N VAL A 426 13.25 11.43 -17.05
CA VAL A 426 12.01 12.08 -17.49
C VAL A 426 12.44 13.24 -18.39
N PRO A 427 12.84 12.95 -19.63
CA PRO A 427 13.39 14.03 -20.48
C PRO A 427 12.41 15.14 -20.82
N TYR A 428 11.12 14.84 -20.93
CA TYR A 428 10.13 15.80 -21.39
C TYR A 428 8.91 15.79 -20.49
N LEU A 429 8.48 16.98 -20.06
CA LEU A 429 7.27 17.11 -19.24
C LEU A 429 6.62 18.44 -19.62
N GLY A 430 5.47 18.38 -20.26
CA GLY A 430 4.78 19.55 -20.72
C GLY A 430 3.85 19.24 -21.88
N PRO A 431 3.38 20.27 -22.57
CA PRO A 431 2.44 20.04 -23.69
C PRO A 431 3.11 19.41 -24.90
N LEU A 432 2.38 18.53 -25.58
CA LEU A 432 2.77 17.99 -26.88
C LEU A 432 1.99 18.76 -27.95
N ARG A 433 2.64 19.75 -28.54
CA ARG A 433 1.98 20.68 -29.45
C ARG A 433 2.37 20.37 -30.89
N ASN A 434 1.40 20.56 -31.79
CA ASN A 434 1.64 20.50 -33.24
C ASN A 434 1.47 21.92 -33.77
N ASP A 435 2.58 22.52 -34.21
CA ASP A 435 2.53 23.91 -34.67
C ASP A 435 1.65 24.06 -35.90
N LYS A 436 1.70 23.09 -36.81
CA LYS A 436 0.99 23.22 -38.09
C LYS A 436 -0.48 23.50 -37.88
N ILE A 437 -1.15 22.70 -37.04
CA ILE A 437 -2.56 22.92 -36.77
C ILE A 437 -2.82 23.75 -35.52
N GLY A 438 -1.76 24.11 -34.79
CA GLY A 438 -1.91 24.96 -33.61
C GLY A 438 -2.78 24.35 -32.54
N MET A 439 -2.52 23.10 -32.17
CA MET A 439 -3.26 22.43 -31.13
C MET A 439 -2.33 21.43 -30.43
N CYS A 440 -2.62 21.22 -29.15
N CYS A 440 -2.56 21.20 -29.15
CA CYS A 440 -1.93 20.30 -28.26
CA CYS A 440 -1.80 20.19 -28.45
C CYS A 440 -2.74 19.01 -28.11
C CYS A 440 -2.74 19.05 -28.03
N LEU A 441 -2.14 18.01 -27.47
CA LEU A 441 -2.90 16.85 -27.07
C LEU A 441 -3.72 17.17 -25.82
N ASP A 442 -4.72 16.33 -25.57
CA ASP A 442 -5.66 16.55 -24.49
C ASP A 442 -6.10 15.18 -24.00
N ASN A 443 -5.89 14.88 -22.73
CA ASN A 443 -6.48 13.68 -22.17
C ASN A 443 -8.01 13.69 -22.30
N MET A 444 -8.58 14.84 -22.67
CA MET A 444 -10.00 14.96 -22.97
C MET A 444 -10.87 14.72 -21.75
N GLY A 445 -10.35 15.03 -20.56
CA GLY A 445 -11.11 14.90 -19.34
C GLY A 445 -10.30 14.25 -18.23
N TRP A 446 -10.16 12.94 -18.30
CA TRP A 446 -9.45 12.16 -17.29
C TRP A 446 -8.21 11.52 -17.91
N ALA A 447 -7.29 11.12 -17.04
CA ALA A 447 -6.08 10.42 -17.45
C ALA A 447 -6.17 8.91 -17.27
N SER A 448 -7.25 8.42 -16.67
CA SER A 448 -7.38 6.99 -16.41
C SER A 448 -7.31 6.21 -17.72
N PRO A 449 -6.64 5.06 -17.73
CA PRO A 449 -6.58 4.25 -18.96
C PRO A 449 -7.94 3.94 -19.57
N GLY A 450 -7.96 3.65 -20.86
CA GLY A 450 -9.14 3.15 -21.52
C GLY A 450 -10.01 4.16 -22.24
N HIS A 451 -9.43 5.23 -22.78
CA HIS A 451 -10.22 6.20 -23.53
C HIS A 451 -9.29 7.01 -24.42
N ALA A 452 -9.86 7.61 -25.46
CA ALA A 452 -9.08 8.21 -26.54
C ALA A 452 -8.53 9.58 -26.16
N VAL A 453 -7.45 9.95 -26.84
CA VAL A 453 -6.83 11.26 -26.71
C VAL A 453 -7.30 12.12 -27.87
N GLY A 454 -7.28 13.45 -27.67
CA GLY A 454 -7.73 14.37 -28.69
C GLY A 454 -6.74 15.51 -28.89
N LEU A 455 -7.01 16.30 -29.92
CA LEU A 455 -6.24 17.50 -30.23
C LEU A 455 -7.15 18.70 -29.99
N GLU A 456 -6.76 19.56 -29.04
CA GLU A 456 -7.56 20.71 -28.67
C GLU A 456 -6.66 21.94 -28.61
N TYR A 457 -7.28 23.12 -28.72
CA TYR A 457 -6.51 24.36 -28.67
C TYR A 457 -5.79 24.46 -27.33
N CYS A 458 -4.51 24.82 -27.37
CA CYS A 458 -3.68 24.80 -26.17
C CYS A 458 -4.16 25.83 -25.15
N HIS A 459 -4.32 25.38 -23.89
CA HIS A 459 -4.70 26.26 -22.80
C HIS A 459 -3.73 26.26 -21.62
N GLY A 460 -2.86 25.27 -21.50
CA GLY A 460 -1.81 25.28 -20.50
C GLY A 460 -2.11 24.54 -19.22
N GLY A 461 -3.18 23.74 -19.19
CA GLY A 461 -3.54 23.00 -18.00
C GLY A 461 -2.96 21.59 -17.99
N ASP A 462 -3.00 20.96 -16.81
CA ASP A 462 -2.47 19.61 -16.68
C ASP A 462 -3.15 18.64 -17.61
N THR A 463 -4.43 18.89 -17.95
CA THR A 463 -5.11 18.06 -18.93
C THR A 463 -4.34 17.98 -20.23
N GLN A 464 -3.50 18.98 -20.52
CA GLN A 464 -2.75 19.03 -21.77
C GLN A 464 -1.24 18.90 -21.55
N THR A 465 -0.81 18.32 -20.43
CA THR A 465 0.59 18.07 -20.16
C THR A 465 0.86 16.58 -20.13
N PHE A 466 1.95 16.16 -20.78
CA PHE A 466 2.33 14.76 -20.88
C PHE A 466 3.80 14.61 -20.56
N MET A 467 4.18 13.44 -20.06
CA MET A 467 5.56 13.16 -19.67
C MET A 467 6.11 11.99 -20.45
N PHE A 468 7.44 11.90 -20.49
CA PHE A 468 8.16 10.84 -21.19
C PHE A 468 9.04 10.09 -20.20
N PHE A 469 8.90 8.76 -20.15
CA PHE A 469 9.80 7.89 -19.41
C PHE A 469 10.68 7.18 -20.43
N ARG A 470 11.98 7.47 -20.42
CA ARG A 470 12.85 7.00 -21.48
C ARG A 470 13.27 5.54 -21.31
N LYS A 471 13.30 5.04 -20.08
CA LYS A 471 13.71 3.65 -19.86
C LYS A 471 12.78 2.66 -20.54
N VAL A 472 11.56 3.08 -20.89
CA VAL A 472 10.55 2.17 -21.40
C VAL A 472 9.69 2.88 -22.45
N GLY A 473 10.12 4.07 -22.86
CA GLY A 473 9.47 4.82 -23.92
C GLY A 473 7.97 4.99 -23.73
N HIS A 474 7.55 5.62 -22.65
CA HIS A 474 6.15 5.77 -22.31
C HIS A 474 5.74 7.23 -22.40
N VAL A 475 4.75 7.52 -23.23
CA VAL A 475 4.15 8.85 -23.34
C VAL A 475 2.88 8.80 -22.52
N MET A 476 2.91 9.37 -21.33
CA MET A 476 1.81 9.29 -20.38
C MET A 476 1.30 10.67 -20.01
N PRO A 477 0.05 10.79 -19.59
CA PRO A 477 -0.40 12.04 -18.96
C PRO A 477 0.27 12.20 -17.61
N VAL A 478 0.67 13.44 -17.30
N VAL A 478 0.67 13.44 -17.29
CA VAL A 478 1.39 13.69 -16.06
CA VAL A 478 1.40 13.66 -16.05
C VAL A 478 0.59 13.25 -14.83
C VAL A 478 0.59 13.24 -14.84
N ASN A 479 -0.74 13.16 -14.96
CA ASN A 479 -1.59 12.85 -13.82
C ASN A 479 -1.87 11.36 -13.62
N ASP A 480 -1.36 10.50 -14.49
CA ASP A 480 -1.47 9.05 -14.28
C ASP A 480 -0.31 8.37 -15.00
N ASP A 481 0.67 7.90 -14.23
CA ASP A 481 1.80 7.18 -14.80
C ASP A 481 1.48 5.71 -15.08
N GLU A 482 0.23 5.30 -14.86
CA GLU A 482 -0.25 4.00 -15.30
C GLU A 482 -0.96 4.07 -16.65
N ALA A 483 -1.09 5.26 -17.23
CA ALA A 483 -1.77 5.46 -18.51
C ALA A 483 -0.74 5.77 -19.58
N CYS A 484 -0.76 4.99 -20.66
CA CYS A 484 0.28 5.06 -21.68
C CYS A 484 -0.37 5.26 -23.05
N LEU A 485 0.14 6.21 -23.81
CA LEU A 485 -0.35 6.43 -25.17
C LEU A 485 -0.03 5.23 -26.06
N GLN A 486 -0.91 4.98 -27.01
CA GLN A 486 -0.79 3.88 -27.95
C GLN A 486 -1.03 4.40 -29.36
N PRO A 487 -0.51 3.70 -30.37
CA PRO A 487 -0.68 4.19 -31.75
C PRO A 487 -2.14 4.35 -32.14
N SER A 488 -3.05 3.66 -31.46
CA SER A 488 -4.48 3.81 -31.71
C SER A 488 -4.95 5.24 -31.47
N GLY A 489 -4.17 6.04 -30.75
CA GLY A 489 -4.65 7.32 -30.27
C GLY A 489 -5.37 7.23 -28.95
N ARG A 490 -5.36 6.07 -28.30
CA ARG A 490 -6.06 5.83 -27.06
C ARG A 490 -5.07 5.52 -25.94
N LEU A 491 -5.33 6.05 -24.75
CA LEU A 491 -4.55 5.70 -23.59
C LEU A 491 -5.01 4.36 -23.04
N ASP A 492 -4.08 3.62 -22.46
CA ASP A 492 -4.43 2.37 -21.78
C ASP A 492 -3.34 2.04 -20.78
N TRP A 493 -3.57 0.96 -20.02
CA TRP A 493 -2.69 0.62 -18.92
C TRP A 493 -1.27 0.41 -19.41
N CYS A 494 -0.31 0.88 -18.62
CA CYS A 494 1.08 0.84 -19.01
C CYS A 494 1.66 -0.56 -18.80
N ARG A 495 2.36 -1.05 -19.80
N ARG A 495 2.36 -1.05 -19.82
CA ARG A 495 3.13 -2.29 -19.69
CA ARG A 495 3.12 -2.28 -19.77
C ARG A 495 4.50 -2.04 -20.29
C ARG A 495 4.52 -1.97 -20.28
N GLY A 496 5.54 -2.49 -19.60
CA GLY A 496 6.90 -2.21 -20.01
C GLY A 496 7.37 -2.98 -21.22
N THR A 497 6.60 -2.92 -22.30
CA THR A 497 6.78 -3.82 -23.43
C THR A 497 6.81 -3.01 -24.72
N ALA A 498 6.92 -3.73 -25.84
CA ALA A 498 7.06 -3.09 -27.15
C ALA A 498 5.78 -2.45 -27.63
N GLN A 499 4.62 -2.90 -27.14
CA GLN A 499 3.35 -2.33 -27.60
C GLN A 499 3.08 -0.95 -26.99
N PHE A 500 4.01 -0.39 -26.22
CA PHE A 500 3.87 0.97 -25.68
C PHE A 500 5.14 1.79 -25.82
N TRP A 501 6.14 1.30 -26.54
CA TRP A 501 7.43 1.98 -26.62
C TRP A 501 7.41 3.04 -27.71
N TRP A 502 7.79 4.27 -27.36
CA TRP A 502 7.88 5.38 -28.28
C TRP A 502 9.29 5.95 -28.27
N ASP A 503 9.79 6.33 -29.45
CA ASP A 503 10.97 7.17 -29.57
C ASP A 503 10.51 8.57 -29.93
N PHE A 504 11.03 9.57 -29.23
CA PHE A 504 10.80 10.97 -29.58
C PHE A 504 12.05 11.44 -30.34
N THR A 505 11.95 11.46 -31.66
CA THR A 505 13.10 11.76 -32.50
C THR A 505 13.52 13.22 -32.33
N SER A 506 14.64 13.56 -32.96
CA SER A 506 15.20 14.91 -32.86
C SER A 506 14.57 15.89 -33.83
N SER A 507 13.85 15.40 -34.84
CA SER A 507 13.04 16.28 -35.66
C SER A 507 11.75 16.70 -34.97
N GLY A 508 11.28 15.90 -34.01
CA GLY A 508 10.11 16.24 -33.24
C GLY A 508 8.99 15.24 -33.41
N GLN A 509 9.31 14.07 -33.95
CA GLN A 509 8.30 13.08 -34.29
C GLN A 509 8.06 12.13 -33.13
N LEU A 510 6.87 11.58 -33.07
CA LEU A 510 6.50 10.55 -32.10
C LEU A 510 6.46 9.24 -32.88
N MET A 511 7.60 8.56 -32.91
CA MET A 511 7.76 7.32 -33.67
C MET A 511 7.48 6.14 -32.76
N PHE A 512 6.52 5.31 -33.14
CA PHE A 512 6.25 4.06 -32.45
C PHE A 512 7.30 3.04 -32.87
N ARG A 513 8.00 2.47 -31.90
CA ARG A 513 9.25 1.78 -32.21
C ARG A 513 9.01 0.51 -33.02
N GLU A 514 7.93 -0.21 -32.74
CA GLU A 514 7.74 -1.52 -33.35
C GLU A 514 7.32 -1.44 -34.81
N THR A 515 6.60 -0.39 -35.21
CA THR A 515 6.23 -0.19 -36.59
C THR A 515 7.08 0.87 -37.29
N LYS A 516 7.82 1.68 -36.52
CA LYS A 516 8.65 2.75 -37.06
C LYS A 516 7.84 3.74 -37.88
N GLN A 517 6.53 3.81 -37.64
CA GLN A 517 5.67 4.86 -38.16
C GLN A 517 5.63 6.04 -37.18
N CYS A 518 5.33 7.21 -37.71
CA CYS A 518 5.29 8.45 -36.94
C CYS A 518 3.85 8.90 -36.76
N LEU A 519 3.62 9.69 -35.71
CA LEU A 519 2.28 10.13 -35.36
C LEU A 519 1.99 11.50 -35.97
N SER A 520 0.82 11.63 -36.59
CA SER A 520 0.43 12.82 -37.34
C SER A 520 -0.86 13.39 -36.78
N ALA A 521 -0.97 14.72 -36.85
CA ALA A 521 -2.14 15.45 -36.39
C ALA A 521 -3.07 15.83 -37.53
N PHE A 522 -2.88 15.24 -38.71
CA PHE A 522 -3.58 15.66 -39.91
C PHE A 522 -5.10 15.64 -39.70
N GLY A 523 -5.75 16.76 -40.02
CA GLY A 523 -7.18 16.85 -39.90
C GLY A 523 -7.71 16.74 -38.49
N ARG A 524 -6.94 17.21 -37.50
CA ARG A 524 -7.34 17.15 -36.10
C ARG A 524 -7.67 15.72 -35.68
N LYS A 525 -7.17 14.74 -36.42
CA LYS A 525 -7.30 13.32 -36.12
C LYS A 525 -5.90 12.74 -35.94
N LEU A 526 -5.81 11.67 -35.16
CA LEU A 526 -4.53 11.03 -34.87
C LEU A 526 -4.45 9.70 -35.62
N ARG A 527 -3.53 9.62 -36.57
CA ARG A 527 -3.28 8.39 -37.32
C ARG A 527 -1.78 8.22 -37.47
N MET A 528 -1.36 6.97 -37.66
CA MET A 528 0.05 6.66 -37.88
C MET A 528 0.37 6.76 -39.36
N VAL A 529 1.51 7.37 -39.69
CA VAL A 529 1.87 7.65 -41.06
C VAL A 529 3.36 7.41 -41.27
N GLU A 530 3.74 7.31 -42.55
CA GLU A 530 5.15 7.20 -42.92
C GLU A 530 5.94 8.40 -42.37
N CYS A 531 7.14 8.12 -41.90
N CYS A 531 7.14 8.12 -41.90
CA CYS A 531 7.95 9.16 -41.25
CA CYS A 531 7.95 9.16 -41.25
C CYS A 531 8.62 10.01 -42.32
C CYS A 531 8.61 10.01 -42.32
N ASP A 532 8.32 11.31 -42.30
CA ASP A 532 8.94 12.29 -43.20
C ASP A 532 9.14 13.54 -42.38
N ASP A 533 10.38 13.87 -42.03
CA ASP A 533 10.63 15.03 -41.20
C ASP A 533 10.24 16.34 -41.89
N THR A 534 9.84 16.25 -43.17
CA THR A 534 9.33 17.40 -43.90
C THR A 534 7.81 17.57 -43.75
N ASP A 535 7.13 16.58 -43.15
CA ASP A 535 5.68 16.63 -42.96
C ASP A 535 5.37 17.38 -41.68
N PRO A 536 4.89 18.62 -41.73
CA PRO A 536 4.74 19.41 -40.50
C PRO A 536 3.59 18.91 -39.62
N TYR A 537 2.73 18.03 -40.13
CA TYR A 537 1.64 17.49 -39.34
C TYR A 537 2.08 16.38 -38.40
N GLN A 538 3.26 15.81 -38.62
CA GLN A 538 3.79 14.76 -37.75
C GLN A 538 4.93 15.24 -36.88
N ILE A 539 5.27 16.52 -36.92
CA ILE A 539 6.35 17.10 -36.13
C ILE A 539 5.74 17.80 -34.92
N TRP A 540 6.21 17.44 -33.73
CA TRP A 540 5.67 17.94 -32.47
C TRP A 540 6.74 18.69 -31.70
N SER A 541 6.29 19.44 -30.70
CA SER A 541 7.17 20.16 -29.79
C SER A 541 6.81 19.73 -28.38
N TRP A 542 7.82 19.41 -27.57
CA TRP A 542 7.60 18.86 -26.24
C TRP A 542 8.59 19.51 -25.28
N THR A 543 8.06 20.07 -24.20
CA THR A 543 8.89 20.83 -23.26
C THR A 543 9.91 19.92 -22.57
N ALA A 544 11.17 20.35 -22.59
CA ALA A 544 12.20 19.63 -21.86
C ALA A 544 11.96 19.76 -20.36
N TYR A 545 12.45 18.77 -19.62
CA TYR A 545 12.21 18.68 -18.17
C TYR A 545 13.56 18.81 -17.46
N ASN A 546 13.87 20.02 -17.00
CA ASN A 546 15.08 20.31 -16.24
C ASN A 546 14.67 20.95 -14.91
N PRO A 547 14.26 20.13 -13.94
CA PRO A 547 13.88 20.69 -12.64
C PRO A 547 15.11 21.06 -11.82
N PRO A 548 14.92 21.79 -10.71
CA PRO A 548 16.08 22.15 -9.88
C PRO A 548 16.74 20.94 -9.24
N ASP A 549 17.82 21.19 -8.51
CA ASP A 549 18.46 20.15 -7.71
C ASP A 549 17.85 20.03 -6.32
N THR A 550 16.93 20.92 -5.95
CA THR A 550 16.24 20.86 -4.68
C THR A 550 14.80 21.32 -4.89
N PHE A 551 13.86 20.68 -4.22
CA PHE A 551 12.44 20.99 -4.36
C PHE A 551 12.01 21.93 -3.23
N THR A 552 11.46 23.08 -3.60
CA THR A 552 10.95 24.06 -2.64
C THR A 552 9.44 23.83 -2.49
N PHE A 553 9.02 23.53 -1.26
CA PHE A 553 7.63 23.17 -1.04
C PHE A 553 6.69 24.31 -1.39
N PRO A 554 5.47 24.01 -1.83
CA PRO A 554 4.52 25.08 -2.19
C PRO A 554 3.95 25.74 -0.94
N SER A 555 4.00 27.08 -0.91
CA SER A 555 3.50 27.84 0.22
C SER A 555 2.07 27.42 0.60
N VAL A 556 1.70 27.66 1.85
CA VAL A 556 0.37 27.29 2.34
C VAL A 556 -0.60 28.45 2.18
N1 UDP B . -8.39 1.62 10.92
C2 UDP B . -8.77 2.07 12.17
N3 UDP B . -9.16 3.38 12.24
C4 UDP B . -9.20 4.27 11.19
C5 UDP B . -8.80 3.74 9.92
C6 UDP B . -8.41 2.46 9.83
O2 UDP B . -8.77 1.34 13.16
O4 UDP B . -9.57 5.45 11.40
C1' UDP B . -7.97 0.22 10.78
C2' UDP B . -8.95 -0.64 9.99
O2' UDP B . -10.00 -1.10 10.84
C3' UDP B . -8.04 -1.75 9.51
C4' UDP B . -6.71 -1.02 9.25
O4' UDP B . -6.76 0.18 10.05
O3' UDP B . -7.85 -2.76 10.50
C5' UDP B . -6.47 -0.65 7.80
O5' UDP B . -7.55 0.16 7.32
PA UDP B . -8.63 -0.41 6.30
O1A UDP B . -8.23 -1.79 5.98
O2A UDP B . -10.05 -0.19 6.84
O3A UDP B . -8.49 0.52 5.03
PB UDP B . -9.00 0.09 3.59
O1B UDP B . -10.34 -0.58 3.88
O2B UDP B . -9.23 1.44 2.89
O3B UDP B . -8.02 -0.78 2.89
HN3 UDP B . -9.40 3.68 13.01
H5 UDP B . -8.80 4.29 9.17
H6 UDP B . -8.16 2.13 8.99
H1' UDP B . -7.83 -0.15 11.67
H2' UDP B . -9.33 -0.16 9.24
HO2' UDP B . -10.37 -0.43 11.22
H3' UDP B . -8.37 -2.13 8.69
H4' UDP B . -5.98 -1.58 9.57
H5'1 UDP B . -6.41 -1.46 7.27
H5'2 UDP B . -5.64 -0.16 7.73
MN MN C . -7.83 -3.87 5.56
C1 GOL D . 6.07 3.26 -15.73
O1 GOL D . 5.35 4.13 -16.55
C2 GOL D . 5.20 2.96 -14.47
O2 GOL D . 3.92 2.57 -14.81
C3 GOL D . 5.99 1.86 -13.73
O3 GOL D . 5.26 1.53 -12.57
H11 GOL D . 6.91 3.64 -15.44
H12 GOL D . 6.29 2.43 -16.18
HO1 GOL D . 5.85 4.34 -17.20
H2 GOL D . 5.09 3.76 -13.93
HO2 GOL D . 3.50 2.43 -14.09
H31 GOL D . 6.87 2.18 -13.53
H32 GOL D . 6.11 1.10 -14.32
HO3 GOL D . 4.50 1.23 -12.82
C1 GOL E . 8.02 24.55 -8.39
O1 GOL E . 8.86 23.87 -9.28
C2 GOL E . 8.19 23.90 -7.01
O2 GOL E . 9.44 24.16 -6.45
C3 GOL E . 7.05 24.45 -6.13
O3 GOL E . 7.40 25.77 -5.80
H11 GOL E . 7.08 24.50 -8.65
H12 GOL E . 8.23 25.50 -8.33
HO1 GOL E . 9.64 23.87 -8.94
H2 GOL E . 8.13 22.93 -7.09
HO2 GOL E . 9.50 25.00 -6.37
H31 GOL E . 6.93 23.88 -5.37
H32 GOL E . 6.22 24.40 -6.64
HO3 GOL E . 6.83 26.02 -5.21
C1 GOL F . 20.19 -2.45 0.52
O1 GOL F . 21.09 -1.39 0.40
C2 GOL F . 19.62 -2.71 -0.90
O2 GOL F . 20.53 -3.37 -1.71
C3 GOL F . 18.34 -3.54 -0.65
O3 GOL F . 17.87 -3.94 -1.93
H11 GOL F . 19.46 -2.23 1.13
H12 GOL F . 20.60 -3.26 0.87
HO1 GOL F . 21.13 -1.00 1.15
H2 GOL F . 19.42 -1.88 -1.35
HO2 GOL F . 20.16 -4.09 -1.99
H31 GOL F . 17.71 -3.01 -0.16
H32 GOL F . 18.55 -4.29 -0.08
HO3 GOL F . 17.85 -4.79 -1.94
C1 GOL G . 12.55 9.13 -40.37
O1 GOL G . 12.47 8.52 -39.11
C2 GOL G . 12.72 10.64 -40.13
O2 GOL G . 13.54 10.89 -39.03
C3 GOL G . 13.32 11.20 -41.45
O3 GOL G . 12.37 11.00 -42.45
H11 GOL G . 11.76 8.98 -40.91
H12 GOL G . 13.29 8.80 -40.90
HO1 GOL G . 13.19 8.69 -38.71
H2 GOL G . 11.87 11.05 -39.94
HO2 GOL G . 13.09 11.34 -38.47
H31 GOL G . 13.54 12.13 -41.31
H32 GOL G . 14.17 10.75 -41.62
HO3 GOL G . 12.75 11.13 -43.20
C1 PEG H . 13.80 -2.29 -19.48
O1 PEG H . 12.80 -1.94 -20.43
C2 PEG H . 15.04 -1.48 -19.66
O2 PEG H . 15.94 -1.73 -18.59
C3 PEG H . 16.55 -0.54 -18.09
C4 PEG H . 17.53 -0.88 -17.01
O4 PEG H . 17.41 0.00 -15.90
H11 PEG H . 13.44 -2.13 -18.58
H12 PEG H . 14.01 -3.23 -19.57
HO1 PEG H . 12.18 -2.52 -20.51
H21 PEG H . 15.46 -1.73 -20.50
H22 PEG H . 14.82 -0.54 -19.68
H31 PEG H . 15.86 0.04 -17.73
H32 PEG H . 17.01 -0.09 -18.81
H41 PEG H . 18.43 -0.82 -17.37
H42 PEG H . 17.37 -1.79 -16.71
HO4 PEG H . 17.03 -0.34 -15.23
C1 GOL I . -1.52 25.36 10.54
O1 GOL I . -2.06 24.10 10.80
C2 GOL I . -0.01 25.19 10.33
O2 GOL I . 0.61 26.41 10.01
C3 GOL I . 0.54 24.61 11.65
O3 GOL I . 1.78 24.01 11.35
H11 GOL I . -1.91 25.78 9.75
H12 GOL I . -1.68 25.98 11.27
H2 GOL I . 0.17 24.59 9.59
HO2 GOL I . 1.43 26.36 10.24
H31 GOL I . 0.61 25.32 12.31
H32 GOL I . -0.11 23.99 12.01
HO3 GOL I . 1.86 23.34 11.85
#